data_3WMV
#
_entry.id   3WMV
#
_cell.length_a   80.276
_cell.length_b   64.215
_cell.length_c   74.282
_cell.angle_alpha   90.00
_cell.angle_beta   121.51
_cell.angle_gamma   90.00
#
_symmetry.space_group_name_H-M   'C 1 2 1'
#
loop_
_entity.id
_entity.type
_entity.pdbx_description
1 polymer Lectin
2 non-polymer 2-acetamido-2-deoxy-alpha-D-galactopyranose
3 water water
#
_entity_poly.entity_id   1
_entity_poly.type   'polypeptide(L)'
_entity_poly.pdbx_seq_one_letter_code
;GSHMATFLIKHKASGKFLHPKGGSSNPANDTNLVLHSDIHERMYFQFDVVDERWGYIKHAASGKIVHPLGGKADPPNETK
LVLHQDRHDRALFAMDFFNDNIIHKAGKYVHPKGGSTNPPNETLTVMHGDKHGAMEFIFVSPKNKDKRVLVYV
;
_entity_poly.pdbx_strand_id   A,B
#
loop_
_chem_comp.id
_chem_comp.type
_chem_comp.name
_chem_comp.formula
A2G D-saccharide, alpha linking 2-acetamido-2-deoxy-alpha-D-galactopyranose 'C8 H15 N O6'
#
# COMPACT_ATOMS: atom_id res chain seq x y z
N MET A 4 16.17 -2.85 6.70
CA MET A 4 14.81 -2.60 6.46
C MET A 4 14.65 -1.10 6.21
N ALA A 5 13.54 -0.67 5.61
CA ALA A 5 13.37 0.72 5.12
C ALA A 5 13.35 1.64 6.35
N THR A 6 14.07 2.69 6.36
CA THR A 6 13.97 3.75 7.35
C THR A 6 13.35 4.93 6.67
N PHE A 7 12.45 5.63 7.35
CA PHE A 7 11.71 6.67 6.72
C PHE A 7 11.31 7.74 7.75
N LEU A 8 10.89 8.87 7.19
CA LEU A 8 10.28 9.94 7.99
C LEU A 8 8.77 9.87 7.74
N ILE A 9 8.01 10.09 8.82
CA ILE A 9 6.56 10.16 8.76
C ILE A 9 6.19 11.64 8.68
N LYS A 10 5.78 12.07 7.47
CA LYS A 10 5.55 13.48 7.18
C LYS A 10 4.08 13.78 7.08
N HIS A 11 3.62 14.70 7.93
CA HIS A 11 2.26 15.23 7.82
C HIS A 11 2.13 15.99 6.51
N LYS A 12 1.27 15.53 5.61
CA LYS A 12 1.31 15.97 4.25
C LYS A 12 0.99 17.46 4.14
N ALA A 13 0.00 17.94 4.86
CA ALA A 13 -0.41 19.29 4.70
C ALA A 13 0.61 20.31 5.18
N SER A 14 1.29 20.02 6.30
CA SER A 14 2.17 20.98 6.94
C SER A 14 3.63 20.78 6.67
N GLY A 15 4.00 19.58 6.26
CA GLY A 15 5.38 19.19 6.14
C GLY A 15 6.10 18.88 7.43
N LYS A 16 5.41 18.95 8.57
CA LYS A 16 6.00 18.55 9.83
C LYS A 16 6.12 17.03 9.89
N PHE A 17 6.92 16.53 10.83
CA PHE A 17 7.23 15.11 10.96
C PHE A 17 6.79 14.59 12.31
N LEU A 18 6.54 13.29 12.38
CA LEU A 18 6.29 12.61 13.66
C LEU A 18 7.59 12.47 14.41
N HIS A 19 7.57 12.87 15.71
CA HIS A 19 8.67 12.77 16.61
C HIS A 19 8.21 12.21 17.96
N PRO A 20 9.10 11.52 18.70
CA PRO A 20 8.79 11.41 20.19
C PRO A 20 8.90 12.78 20.79
N LYS A 21 8.01 13.15 21.69
CA LYS A 21 8.14 14.42 22.40
C LYS A 21 9.43 14.45 23.15
N GLY A 22 10.27 15.46 22.92
CA GLY A 22 11.57 15.56 23.50
C GLY A 22 12.71 15.04 22.63
N GLY A 23 12.41 14.25 21.64
CA GLY A 23 13.42 13.87 20.67
C GLY A 23 14.50 12.94 21.16
N SER A 24 14.21 12.10 22.18
CA SER A 24 15.23 11.24 22.72
C SER A 24 15.53 10.02 21.88
N SER A 25 16.77 9.54 21.95
CA SER A 25 17.08 8.23 21.41
C SER A 25 16.47 7.12 22.18
N ASN A 26 16.08 7.35 23.43
CA ASN A 26 15.44 6.32 24.22
C ASN A 26 14.28 6.90 25.03
N PRO A 27 13.18 7.28 24.34
CA PRO A 27 12.04 7.85 25.06
C PRO A 27 11.51 6.88 26.11
N ALA A 28 11.00 7.38 27.22
CA ALA A 28 10.33 6.48 28.19
C ALA A 28 9.06 5.88 27.57
N ASN A 29 8.65 4.73 28.09
CA ASN A 29 7.33 4.22 27.76
C ASN A 29 6.30 5.29 28.01
N ASP A 30 5.32 5.32 27.10
CA ASP A 30 4.18 6.21 27.10
C ASP A 30 4.57 7.66 26.76
N THR A 31 5.74 7.88 26.17
CA THR A 31 6.07 9.21 25.61
C THR A 31 5.13 9.53 24.49
N ASN A 32 4.55 10.74 24.50
CA ASN A 32 3.69 11.18 23.42
C ASN A 32 4.45 11.37 22.11
N LEU A 33 3.75 11.08 21.01
CA LEU A 33 4.21 11.37 19.65
C LEU A 33 3.62 12.72 19.21
N VAL A 34 4.49 13.61 18.78
CA VAL A 34 4.14 14.96 18.41
C VAL A 34 4.54 15.22 16.95
N LEU A 35 4.13 16.35 16.41
CA LEU A 35 4.63 16.85 15.14
C LEU A 35 5.71 17.92 15.41
N HIS A 36 6.77 17.88 14.61
CA HIS A 36 7.86 18.84 14.74
C HIS A 36 8.56 18.95 13.40
N SER A 37 9.08 20.13 13.13
CA SER A 37 9.82 20.42 11.89
C SER A 37 11.17 19.87 11.72
N ASP A 38 11.87 19.50 12.77
CA ASP A 38 13.27 19.11 12.65
C ASP A 38 13.37 17.71 12.00
N ILE A 39 14.52 17.48 11.39
CA ILE A 39 14.90 16.20 10.89
C ILE A 39 16.22 15.75 11.56
N HIS A 40 16.23 14.56 12.16
CA HIS A 40 17.38 13.99 12.76
C HIS A 40 17.08 12.50 13.02
N GLU A 41 18.12 11.75 13.40
CA GLU A 41 17.99 10.31 13.51
C GLU A 41 17.03 9.83 14.59
N ARG A 42 16.69 10.68 15.55
CA ARG A 42 15.76 10.35 16.61
C ARG A 42 14.31 10.56 16.21
N MET A 43 14.02 10.88 14.95
CA MET A 43 12.66 10.93 14.43
C MET A 43 12.52 10.01 13.21
N TYR A 44 13.50 9.15 12.96
CA TYR A 44 13.39 8.10 11.95
C TYR A 44 12.44 6.98 12.48
N PHE A 45 11.68 6.41 11.55
CA PHE A 45 10.80 5.27 11.84
C PHE A 45 11.11 4.14 10.85
N GLN A 46 10.68 2.96 11.27
CA GLN A 46 10.70 1.74 10.48
C GLN A 46 9.35 1.06 10.63
N PHE A 47 9.01 0.11 9.77
CA PHE A 47 7.74 -0.62 9.88
C PHE A 47 8.03 -2.08 9.85
N ASP A 48 7.60 -2.81 10.87
CA ASP A 48 7.81 -4.26 10.98
C ASP A 48 6.50 -4.95 10.62
N VAL A 49 6.47 -5.57 9.48
CA VAL A 49 5.27 -6.27 9.00
C VAL A 49 4.97 -7.48 9.88
N VAL A 50 3.70 -7.59 10.30
CA VAL A 50 3.21 -8.73 11.07
C VAL A 50 2.29 -9.60 10.24
N ASP A 51 1.34 -9.02 9.54
CA ASP A 51 0.31 -9.77 8.82
C ASP A 51 -0.17 -8.93 7.64
N GLU A 52 0.43 -9.13 6.47
CA GLU A 52 0.03 -8.46 5.24
C GLU A 52 0.18 -6.95 5.43
N ARG A 53 -0.94 -6.19 5.44
CA ARG A 53 -0.84 -4.75 5.65
C ARG A 53 -0.47 -4.37 7.10
N TRP A 54 -0.75 -5.22 8.07
CA TRP A 54 -0.67 -4.85 9.45
C TRP A 54 0.71 -5.06 10.01
N GLY A 55 1.16 -4.14 10.84
CA GLY A 55 2.45 -4.24 11.46
C GLY A 55 2.65 -3.21 12.55
N TYR A 56 3.91 -3.13 12.99
CA TYR A 56 4.32 -2.22 14.07
C TYR A 56 5.08 -1.05 13.50
N ILE A 57 4.71 0.16 13.91
CA ILE A 57 5.43 1.38 13.53
C ILE A 57 6.50 1.60 14.61
N LYS A 58 7.76 1.48 14.21
CA LYS A 58 8.86 1.39 15.15
C LYS A 58 9.73 2.65 15.13
N HIS A 59 9.93 3.25 16.29
CA HIS A 59 10.89 4.35 16.47
C HIS A 59 12.30 3.75 16.31
N ALA A 60 13.02 4.15 15.24
CA ALA A 60 14.24 3.43 14.92
C ALA A 60 15.27 3.49 16.04
N ALA A 61 15.41 4.67 16.67
CA ALA A 61 16.51 4.82 17.62
C ALA A 61 16.30 3.97 18.87
N SER A 62 15.05 3.78 19.34
CA SER A 62 14.79 3.16 20.59
C SER A 62 14.25 1.76 20.50
N GLY A 63 13.66 1.40 19.37
CA GLY A 63 12.96 0.17 19.25
C GLY A 63 11.56 0.12 19.85
N LYS A 64 11.07 1.20 20.47
CA LYS A 64 9.71 1.26 20.95
C LYS A 64 8.79 1.46 19.73
N ILE A 65 7.52 1.08 19.87
CA ILE A 65 6.59 1.15 18.76
C ILE A 65 5.40 2.02 19.14
N VAL A 66 4.62 2.40 18.11
CA VAL A 66 3.48 3.27 18.31
C VAL A 66 2.31 2.49 18.91
N HIS A 67 1.69 3.02 19.97
CA HIS A 67 0.51 2.47 20.58
C HIS A 67 -0.52 3.57 20.80
N PRO A 68 -1.82 3.22 20.78
CA PRO A 68 -2.80 4.05 21.50
C PRO A 68 -2.44 4.03 23.00
N LEU A 69 -2.45 5.17 23.66
CA LEU A 69 -2.13 5.21 25.10
C LEU A 69 -3.13 4.31 25.82
N GLY A 70 -2.63 3.39 26.63
CA GLY A 70 -3.42 2.50 27.40
C GLY A 70 -3.60 1.18 26.69
N GLY A 71 -3.33 1.10 25.39
CA GLY A 71 -3.34 -0.14 24.71
C GLY A 71 -4.64 -0.86 24.50
N LYS A 72 -5.76 -0.19 24.40
CA LYS A 72 -7.02 -0.86 24.17
C LYS A 72 -7.22 -1.21 22.72
N ALA A 73 -7.99 -2.26 22.50
CA ALA A 73 -8.21 -2.75 21.19
C ALA A 73 -8.99 -1.76 20.28
N ASP A 74 -9.95 -1.09 20.83
CA ASP A 74 -10.85 -0.20 20.10
C ASP A 74 -10.87 1.14 20.78
N PRO A 75 -9.77 1.91 20.66
CA PRO A 75 -9.61 3.15 21.42
C PRO A 75 -10.59 4.20 20.91
N PRO A 76 -11.09 5.08 21.79
CA PRO A 76 -11.98 6.15 21.34
C PRO A 76 -11.26 7.26 20.62
N ASN A 77 -12.01 8.10 19.92
CA ASN A 77 -11.47 9.37 19.39
C ASN A 77 -10.76 10.15 20.49
N GLU A 78 -9.67 10.80 20.09
CA GLU A 78 -8.83 11.64 20.89
C GLU A 78 -7.87 10.84 21.74
N THR A 79 -7.79 9.49 21.61
CA THR A 79 -6.80 8.72 22.34
C THR A 79 -5.40 9.18 21.90
N LYS A 80 -4.54 9.48 22.81
CA LYS A 80 -3.22 9.94 22.46
C LYS A 80 -2.41 8.79 21.89
N LEU A 81 -1.52 9.09 20.94
CA LEU A 81 -0.50 8.15 20.42
C LEU A 81 0.78 8.30 21.18
N VAL A 82 1.37 7.19 21.57
CA VAL A 82 2.58 7.14 22.36
C VAL A 82 3.50 6.08 21.84
N LEU A 83 4.73 6.09 22.31
CA LEU A 83 5.65 4.96 22.14
C LEU A 83 5.62 4.06 23.33
N HIS A 84 5.73 2.77 23.10
CA HIS A 84 5.83 1.78 24.17
C HIS A 84 6.58 0.58 23.64
N GLN A 85 7.36 -0.08 24.50
CA GLN A 85 8.11 -1.24 24.12
C GLN A 85 7.26 -2.45 23.79
N ASP A 86 6.09 -2.62 24.30
CA ASP A 86 5.38 -3.86 24.15
C ASP A 86 4.95 -4.10 22.72
N ARG A 87 5.02 -5.35 22.26
CA ARG A 87 4.45 -5.82 21.04
C ARG A 87 3.20 -6.63 21.34
N HIS A 88 2.07 -6.25 20.77
CA HIS A 88 0.81 -7.00 20.87
C HIS A 88 -0.10 -6.45 19.84
N ASP A 89 -1.27 -7.15 19.73
CA ASP A 89 -2.16 -6.90 18.65
C ASP A 89 -2.98 -5.60 18.80
N ARG A 90 -2.87 -4.87 19.84
CA ARG A 90 -3.56 -3.59 19.90
C ARG A 90 -2.66 -2.47 19.39
N ALA A 91 -1.41 -2.79 19.02
CA ALA A 91 -0.46 -1.83 18.47
C ALA A 91 -0.23 -2.06 16.98
N LEU A 92 -1.18 -2.70 16.29
CA LEU A 92 -1.12 -2.93 14.85
C LEU A 92 -1.69 -1.75 14.08
N PHE A 93 -0.95 -1.30 13.09
CA PHE A 93 -1.36 -0.27 12.13
C PHE A 93 -1.02 -0.72 10.74
N ALA A 94 -1.60 -0.04 9.77
CA ALA A 94 -1.25 -0.19 8.37
C ALA A 94 -0.89 1.16 7.81
N MET A 95 0.10 1.19 6.92
CA MET A 95 0.67 2.40 6.31
CA MET A 95 0.64 2.39 6.33
C MET A 95 0.09 2.54 4.93
N ASP A 96 -1.04 3.26 4.83
CA ASP A 96 -1.80 3.37 3.57
C ASP A 96 -1.16 4.41 2.70
N PHE A 97 -0.22 3.99 1.87
CA PHE A 97 0.55 4.87 1.01
C PHE A 97 -0.18 5.18 -0.27
N PHE A 98 -1.40 4.69 -0.45
CA PHE A 98 -2.25 5.03 -1.58
C PHE A 98 -3.22 6.14 -1.24
N ASN A 99 -3.94 6.01 -0.12
CA ASN A 99 -4.78 7.08 0.40
C ASN A 99 -4.03 8.08 1.25
N ASP A 100 -2.80 7.81 1.60
CA ASP A 100 -1.92 8.67 2.41
C ASP A 100 -2.44 8.84 3.85
N ASN A 101 -2.58 7.74 4.57
CA ASN A 101 -2.97 7.82 5.94
C ASN A 101 -2.37 6.63 6.73
N ILE A 102 -2.44 6.74 8.06
CA ILE A 102 -2.00 5.67 8.97
C ILE A 102 -3.23 5.19 9.69
N ILE A 103 -3.60 3.95 9.52
CA ILE A 103 -4.82 3.40 10.06
C ILE A 103 -4.53 2.34 11.12
N HIS A 104 -5.20 2.44 12.26
CA HIS A 104 -5.12 1.42 13.31
C HIS A 104 -5.99 0.23 12.95
N LYS A 105 -5.69 -0.92 13.59
CA LYS A 105 -6.46 -2.13 13.35
C LYS A 105 -7.94 -1.94 13.53
N ALA A 106 -8.39 -1.12 14.48
CA ALA A 106 -9.82 -0.93 14.73
C ALA A 106 -10.42 0.17 13.88
N GLY A 107 -9.67 0.77 12.97
CA GLY A 107 -10.23 1.59 11.91
C GLY A 107 -10.05 3.11 12.09
N LYS A 108 -9.54 3.61 13.19
CA LYS A 108 -9.32 5.02 13.30
C LYS A 108 -7.93 5.36 12.74
N TYR A 109 -7.68 6.64 12.49
CA TYR A 109 -6.50 7.16 11.81
C TYR A 109 -5.67 8.00 12.80
N VAL A 110 -4.39 8.13 12.46
CA VAL A 110 -3.51 9.09 13.17
C VAL A 110 -3.85 10.50 12.67
N HIS A 111 -4.07 11.41 13.64
CA HIS A 111 -4.37 12.82 13.41
C HIS A 111 -3.46 13.70 14.25
N PRO A 112 -3.20 14.93 13.78
CA PRO A 112 -2.79 15.94 14.75
C PRO A 112 -3.96 16.34 15.61
N LYS A 113 -3.75 16.59 16.89
CA LYS A 113 -4.85 17.00 17.79
C LYS A 113 -5.47 18.29 17.28
N GLY A 114 -6.74 18.30 17.07
CA GLY A 114 -7.43 19.45 16.54
C GLY A 114 -7.57 19.48 15.02
N GLY A 115 -6.82 18.66 14.31
CA GLY A 115 -7.03 18.54 12.89
C GLY A 115 -6.59 19.73 12.09
N SER A 116 -5.56 20.45 12.48
CA SER A 116 -5.07 21.60 11.78
CA SER A 116 -5.20 21.59 11.66
C SER A 116 -4.29 21.26 10.50
N THR A 117 -4.41 22.10 9.49
CA THR A 117 -3.54 21.90 8.30
CA THR A 117 -3.58 22.02 8.30
C THR A 117 -2.11 22.29 8.60
N ASN A 118 -1.86 23.21 9.52
CA ASN A 118 -0.50 23.67 9.85
C ASN A 118 -0.31 23.64 11.35
N PRO A 119 -0.25 22.45 11.96
CA PRO A 119 -0.05 22.34 13.42
C PRO A 119 1.29 22.94 13.81
N PRO A 120 1.33 23.65 14.94
CA PRO A 120 2.60 24.13 15.43
C PRO A 120 3.48 22.97 15.94
N ASN A 121 4.77 23.20 16.02
CA ASN A 121 5.63 22.24 16.66
C ASN A 121 5.13 21.88 18.05
N GLU A 122 5.28 20.61 18.40
CA GLU A 122 4.88 19.99 19.66
C GLU A 122 3.41 19.64 19.69
N THR A 123 2.67 19.81 18.61
CA THR A 123 1.27 19.36 18.59
C THR A 123 1.19 17.84 18.79
N LEU A 124 0.34 17.41 19.71
CA LEU A 124 0.17 16.00 20.01
C LEU A 124 -0.53 15.32 18.83
N THR A 125 -0.28 14.02 18.70
CA THR A 125 -1.06 13.19 17.78
C THR A 125 -2.01 12.29 18.56
N VAL A 126 -3.12 12.03 17.93
CA VAL A 126 -4.24 11.25 18.54
C VAL A 126 -4.86 10.36 17.46
N MET A 127 -5.69 9.44 17.93
CA MET A 127 -6.49 8.67 17.04
CA MET A 127 -6.55 8.64 16.97
C MET A 127 -7.84 9.34 16.81
N HIS A 128 -8.34 9.31 15.58
CA HIS A 128 -9.65 9.85 15.28
C HIS A 128 -10.19 9.17 14.06
N GLY A 129 -11.49 8.91 14.05
CA GLY A 129 -12.07 8.29 12.93
C GLY A 129 -12.27 9.17 11.70
N ASP A 130 -12.24 10.48 11.79
CA ASP A 130 -12.49 11.30 10.64
C ASP A 130 -11.40 11.19 9.60
N LYS A 131 -11.78 11.41 8.37
CA LYS A 131 -10.88 11.49 7.21
C LYS A 131 -11.01 12.89 6.60
N HIS A 132 -9.87 13.51 6.34
CA HIS A 132 -9.79 14.82 5.76
C HIS A 132 -8.34 15.10 5.43
N GLY A 133 -8.04 16.22 4.79
CA GLY A 133 -6.69 16.46 4.36
C GLY A 133 -5.68 16.61 5.43
N ALA A 134 -6.09 17.02 6.62
CA ALA A 134 -5.16 17.26 7.73
C ALA A 134 -4.82 16.02 8.50
N MET A 135 -5.33 14.84 8.10
CA MET A 135 -4.89 13.57 8.68
C MET A 135 -4.07 12.74 7.65
N GLU A 136 -3.63 13.37 6.54
CA GLU A 136 -2.86 12.65 5.55
C GLU A 136 -1.37 12.68 5.96
N PHE A 137 -0.70 11.57 5.73
CA PHE A 137 0.72 11.39 5.95
C PHE A 137 1.35 10.71 4.77
N ILE A 138 2.60 11.10 4.47
CA ILE A 138 3.41 10.39 3.47
C ILE A 138 4.70 9.98 4.14
N PHE A 139 5.37 8.99 3.49
CA PHE A 139 6.48 8.28 4.11
C PHE A 139 7.68 8.46 3.20
N VAL A 140 8.70 9.20 3.68
CA VAL A 140 9.72 9.77 2.82
C VAL A 140 11.12 9.40 3.28
N SER A 141 12.07 9.57 2.34
CA SER A 141 13.44 9.25 2.61
C SER A 141 14.08 10.20 3.62
N PRO A 142 14.89 9.68 4.54
CA PRO A 142 15.68 10.57 5.41
C PRO A 142 16.64 11.42 4.65
N LYS A 143 16.97 11.03 3.40
CA LYS A 143 17.87 11.76 2.52
C LYS A 143 17.20 12.71 1.57
N ASN A 144 15.85 12.69 1.50
CA ASN A 144 15.14 13.57 0.61
C ASN A 144 13.68 13.53 1.08
N LYS A 145 13.27 14.54 1.85
CA LYS A 145 11.97 14.58 2.46
C LYS A 145 10.80 14.73 1.48
N ASP A 146 11.10 14.88 0.17
CA ASP A 146 10.10 14.86 -0.86
C ASP A 146 10.04 13.54 -1.64
N LYS A 147 10.89 12.62 -1.35
CA LYS A 147 10.95 11.32 -2.06
C LYS A 147 10.24 10.29 -1.26
N ARG A 148 9.10 9.80 -1.71
CA ARG A 148 8.39 8.71 -1.06
C ARG A 148 9.23 7.46 -1.10
N VAL A 149 9.18 6.67 -0.04
CA VAL A 149 9.85 5.41 0.04
C VAL A 149 8.84 4.33 0.42
N LEU A 150 9.12 3.10 -0.01
CA LEU A 150 8.31 1.95 0.35
C LEU A 150 8.59 1.47 1.72
N VAL A 151 7.59 1.52 2.61
CA VAL A 151 7.82 1.20 4.01
C VAL A 151 7.68 -0.28 4.31
N TYR A 152 7.06 -1.04 3.40
CA TYR A 152 6.77 -2.45 3.57
C TYR A 152 8.04 -3.35 3.30
N VAL A 153 9.16 -2.84 3.07
CA VAL A 153 10.33 -3.60 2.78
C VAL A 153 11.42 -3.22 3.69
N ALA B 5 7.30 -12.50 -2.93
CA ALA B 5 6.00 -13.06 -2.80
C ALA B 5 5.39 -13.58 -4.09
N THR B 6 4.71 -14.70 -4.06
CA THR B 6 3.95 -15.22 -5.21
C THR B 6 2.49 -15.20 -4.80
N PHE B 7 1.63 -14.75 -5.73
CA PHE B 7 0.25 -14.53 -5.43
C PHE B 7 -0.62 -14.73 -6.65
N LEU B 8 -1.91 -14.81 -6.36
CA LEU B 8 -2.94 -14.82 -7.37
C LEU B 8 -3.58 -13.43 -7.43
N ILE B 9 -3.94 -13.00 -8.63
CA ILE B 9 -4.63 -11.72 -8.82
C ILE B 9 -6.12 -12.07 -9.02
N LYS B 10 -6.90 -11.84 -7.99
CA LYS B 10 -8.26 -12.27 -7.91
C LYS B 10 -9.21 -11.09 -8.16
N HIS B 11 -10.08 -11.22 -9.17
CA HIS B 11 -11.15 -10.27 -9.41
C HIS B 11 -12.14 -10.37 -8.29
N LYS B 12 -12.33 -9.30 -7.51
CA LYS B 12 -13.11 -9.39 -6.28
C LYS B 12 -14.56 -9.78 -6.57
N ALA B 13 -15.17 -9.18 -7.57
CA ALA B 13 -16.60 -9.38 -7.71
C ALA B 13 -16.97 -10.79 -8.16
N SER B 14 -16.10 -11.44 -8.96
CA SER B 14 -16.37 -12.76 -9.56
C SER B 14 -15.61 -13.89 -8.91
N GLY B 15 -14.47 -13.62 -8.27
CA GLY B 15 -13.61 -14.66 -7.79
C GLY B 15 -12.78 -15.32 -8.87
N LYS B 16 -12.82 -14.85 -10.11
CA LYS B 16 -11.96 -15.35 -11.13
C LYS B 16 -10.57 -14.68 -10.99
N PHE B 17 -9.60 -15.21 -11.72
CA PHE B 17 -8.21 -14.82 -11.58
C PHE B 17 -7.64 -14.36 -12.90
N LEU B 18 -6.59 -13.53 -12.84
CA LEU B 18 -5.85 -13.14 -14.03
C LEU B 18 -5.01 -14.36 -14.52
N HIS B 19 -5.10 -14.63 -15.82
CA HIS B 19 -4.34 -15.67 -16.48
C HIS B 19 -3.76 -15.15 -17.76
N PRO B 20 -2.63 -15.67 -18.26
CA PRO B 20 -2.34 -15.56 -19.70
C PRO B 20 -3.36 -16.41 -20.45
N LYS B 21 -3.87 -15.90 -21.55
CA LYS B 21 -4.79 -16.65 -22.37
C LYS B 21 -4.11 -17.93 -22.81
N GLY B 22 -4.70 -19.08 -22.57
CA GLY B 22 -4.09 -20.38 -22.88
C GLY B 22 -3.33 -21.00 -21.74
N GLY B 23 -2.99 -20.27 -20.72
CA GLY B 23 -2.38 -20.84 -19.52
C GLY B 23 -1.00 -21.40 -19.67
N SER B 24 -0.21 -20.92 -20.62
CA SER B 24 1.13 -21.46 -20.83
C SER B 24 2.11 -21.05 -19.75
N SER B 25 3.10 -21.94 -19.49
CA SER B 25 4.25 -21.58 -18.70
C SER B 25 5.29 -20.72 -19.44
N ASN B 26 5.10 -20.56 -20.76
CA ASN B 26 5.92 -19.60 -21.49
C ASN B 26 5.04 -18.96 -22.61
N PRO B 27 4.10 -18.08 -22.23
CA PRO B 27 3.30 -17.40 -23.25
C PRO B 27 4.19 -16.60 -24.19
N ALA B 28 3.80 -16.53 -25.44
CA ALA B 28 4.46 -15.67 -26.40
C ALA B 28 4.30 -14.19 -25.96
N ASN B 29 5.22 -13.36 -26.42
CA ASN B 29 5.00 -11.93 -26.32
C ASN B 29 3.67 -11.54 -26.92
N ASP B 30 3.01 -10.61 -26.24
CA ASP B 30 1.71 -10.04 -26.63
C ASP B 30 0.54 -11.00 -26.41
N THR B 31 0.76 -12.04 -25.60
CA THR B 31 -0.36 -12.88 -25.19
C THR B 31 -1.34 -12.07 -24.30
N ASN B 32 -2.62 -12.12 -24.61
CA ASN B 32 -3.60 -11.41 -23.82
C ASN B 32 -3.70 -11.96 -22.42
N LEU B 33 -3.99 -11.08 -21.46
CA LEU B 33 -4.37 -11.43 -20.10
C LEU B 33 -5.86 -11.44 -19.95
N VAL B 34 -6.40 -12.56 -19.48
CA VAL B 34 -7.82 -12.76 -19.38
C VAL B 34 -8.18 -13.13 -17.94
N LEU B 35 -9.47 -13.15 -17.65
CA LEU B 35 -9.96 -13.72 -16.44
C LEU B 35 -10.40 -15.15 -16.63
N HIS B 36 -10.09 -16.00 -15.67
CA HIS B 36 -10.48 -17.41 -15.74
C HIS B 36 -10.58 -17.94 -14.33
N SER B 37 -11.53 -18.83 -14.11
CA SER B 37 -11.73 -19.46 -12.81
C SER B 37 -10.65 -20.32 -12.27
N ASP B 38 -9.87 -20.96 -13.10
CA ASP B 38 -8.87 -21.97 -12.65
C ASP B 38 -7.73 -21.42 -11.86
N ILE B 39 -7.20 -22.23 -10.90
CA ILE B 39 -5.94 -21.99 -10.19
C ILE B 39 -4.94 -23.02 -10.63
N HIS B 40 -3.76 -22.59 -11.04
CA HIS B 40 -2.63 -23.43 -11.35
C HIS B 40 -1.42 -22.55 -11.41
N GLU B 41 -0.27 -23.19 -11.50
CA GLU B 41 0.98 -22.44 -11.33
C GLU B 41 1.26 -21.49 -12.48
N ARG B 42 0.56 -21.60 -13.62
CA ARG B 42 0.72 -20.67 -14.75
C ARG B 42 -0.17 -19.46 -14.64
N MET B 43 -0.84 -19.27 -13.51
CA MET B 43 -1.53 -18.03 -13.25
C MET B 43 -1.04 -17.39 -11.93
N TYR B 44 0.10 -17.83 -11.43
CA TYR B 44 0.79 -17.17 -10.35
C TYR B 44 1.50 -15.95 -10.86
N PHE B 45 1.52 -14.90 -10.03
CA PHE B 45 2.24 -13.65 -10.30
C PHE B 45 3.16 -13.29 -9.15
N GLN B 46 4.09 -12.40 -9.47
CA GLN B 46 5.00 -11.77 -8.55
C GLN B 46 4.99 -10.27 -8.84
N PHE B 47 5.57 -9.45 -8.00
CA PHE B 47 5.66 -8.03 -8.24
C PHE B 47 7.09 -7.59 -7.94
N ASP B 48 7.72 -6.99 -8.94
CA ASP B 48 9.10 -6.51 -8.87
C ASP B 48 9.09 -5.02 -8.66
N VAL B 49 9.42 -4.56 -7.45
CA VAL B 49 9.41 -3.16 -7.15
C VAL B 49 10.51 -2.44 -7.89
N VAL B 50 10.16 -1.33 -8.54
CA VAL B 50 11.10 -0.46 -9.21
C VAL B 50 11.30 0.85 -8.48
N ASP B 51 10.22 1.48 -8.04
CA ASP B 51 10.31 2.79 -7.40
C ASP B 51 9.10 2.98 -6.49
N GLU B 52 9.29 2.68 -5.21
CA GLU B 52 8.26 2.84 -4.19
C GLU B 52 7.06 1.99 -4.56
N ARG B 53 5.92 2.63 -4.91
CA ARG B 53 4.74 1.87 -5.29
C ARG B 53 4.85 1.21 -6.65
N TRP B 54 5.70 1.74 -7.53
CA TRP B 54 5.72 1.37 -8.92
C TRP B 54 6.61 0.16 -9.18
N GLY B 55 6.14 -0.74 -10.03
CA GLY B 55 6.92 -1.90 -10.38
C GLY B 55 6.29 -2.69 -11.51
N TYR B 56 6.85 -3.87 -11.71
CA TYR B 56 6.42 -4.74 -12.77
C TYR B 56 5.61 -5.88 -12.22
N ILE B 57 4.45 -6.16 -12.84
CA ILE B 57 3.58 -7.29 -12.53
C ILE B 57 4.09 -8.46 -13.34
N LYS B 58 4.69 -9.46 -12.70
CA LYS B 58 5.45 -10.50 -13.35
C LYS B 58 4.70 -11.83 -13.34
N HIS B 59 4.50 -12.41 -14.50
CA HIS B 59 4.00 -13.77 -14.66
C HIS B 59 5.09 -14.71 -14.12
N ALA B 60 4.81 -15.45 -13.04
CA ALA B 60 5.90 -16.17 -12.37
C ALA B 60 6.51 -17.25 -13.29
N ALA B 61 5.67 -17.97 -14.04
CA ALA B 61 6.18 -19.11 -14.79
C ALA B 61 7.11 -18.71 -15.91
N SER B 62 6.83 -17.58 -16.60
CA SER B 62 7.61 -17.16 -17.75
C SER B 62 8.56 -16.04 -17.50
N GLY B 63 8.31 -15.26 -16.44
CA GLY B 63 9.01 -14.00 -16.20
C GLY B 63 8.57 -12.83 -17.02
N LYS B 64 7.65 -13.01 -17.99
CA LYS B 64 7.16 -11.86 -18.72
C LYS B 64 6.29 -11.00 -17.80
N ILE B 65 6.16 -9.72 -18.16
CA ILE B 65 5.45 -8.76 -17.29
C ILE B 65 4.26 -8.21 -18.02
N VAL B 66 3.35 -7.60 -17.25
CA VAL B 66 2.12 -6.98 -17.80
C VAL B 66 2.48 -5.68 -18.51
N HIS B 67 1.96 -5.51 -19.73
CA HIS B 67 2.06 -4.30 -20.51
C HIS B 67 0.70 -3.92 -21.04
N PRO B 68 0.39 -2.62 -21.20
CA PRO B 68 -0.62 -2.23 -22.17
C PRO B 68 -0.16 -2.64 -23.54
N LEU B 69 -1.03 -3.24 -24.38
CA LEU B 69 -0.62 -3.66 -25.72
C LEU B 69 -0.05 -2.49 -26.48
N GLY B 70 1.12 -2.65 -27.05
CA GLY B 70 1.79 -1.64 -27.77
C GLY B 70 2.72 -0.80 -26.93
N GLY B 71 2.61 -0.90 -25.60
CA GLY B 71 3.52 -0.21 -24.71
C GLY B 71 3.35 1.26 -24.67
N LYS B 72 2.11 1.80 -24.89
CA LYS B 72 1.95 3.27 -24.92
C LYS B 72 2.04 3.74 -23.46
N ALA B 73 2.57 5.00 -23.39
CA ALA B 73 2.82 5.64 -22.15
C ALA B 73 1.51 6.00 -21.42
N ASP B 74 0.52 6.39 -22.17
CA ASP B 74 -0.72 6.94 -21.63
C ASP B 74 -1.84 6.25 -22.34
N PRO B 75 -1.97 4.91 -22.11
CA PRO B 75 -2.90 4.09 -22.88
C PRO B 75 -4.34 4.58 -22.75
N PRO B 76 -5.11 4.60 -23.85
CA PRO B 76 -6.51 4.96 -23.76
C PRO B 76 -7.36 3.88 -23.14
N ASN B 77 -8.57 4.25 -22.72
CA ASN B 77 -9.56 3.29 -22.32
C ASN B 77 -9.70 2.18 -23.40
N GLU B 78 -9.87 0.96 -22.91
CA GLU B 78 -10.05 -0.23 -23.70
C GLU B 78 -8.75 -0.79 -24.30
N THR B 79 -7.61 -0.25 -23.93
CA THR B 79 -6.35 -0.84 -24.33
C THR B 79 -6.19 -2.21 -23.67
N LYS B 80 -5.97 -3.24 -24.47
CA LYS B 80 -5.79 -4.56 -23.95
C LYS B 80 -4.54 -4.71 -23.12
N LEU B 81 -4.58 -5.55 -22.12
CA LEU B 81 -3.41 -5.90 -21.34
C LEU B 81 -2.84 -7.24 -21.84
N VAL B 82 -1.54 -7.31 -21.93
CA VAL B 82 -0.81 -8.46 -22.44
C VAL B 82 0.43 -8.73 -21.59
N LEU B 83 1.07 -9.87 -21.82
CA LEU B 83 2.40 -10.13 -21.28
C LEU B 83 3.45 -9.85 -22.35
N HIS B 84 4.60 -9.33 -21.88
CA HIS B 84 5.73 -9.12 -22.79
C HIS B 84 6.98 -9.17 -21.93
N GLN B 85 8.07 -9.69 -22.52
CA GLN B 85 9.35 -9.78 -21.83
C GLN B 85 10.03 -8.43 -21.59
N ASP B 86 9.75 -7.41 -22.39
CA ASP B 86 10.48 -6.17 -22.24
C ASP B 86 10.20 -5.52 -20.91
N ARG B 87 11.24 -4.87 -20.37
CA ARG B 87 11.13 -3.97 -19.19
C ARG B 87 11.34 -2.54 -19.61
N HIS B 88 10.38 -1.67 -19.32
CA HIS B 88 10.52 -0.26 -19.56
C HIS B 88 9.45 0.44 -18.71
N ASP B 89 9.52 1.79 -18.68
CA ASP B 89 8.67 2.54 -17.76
C ASP B 89 7.19 2.54 -18.16
N ARG B 90 6.86 2.17 -19.37
CA ARG B 90 5.48 2.14 -19.75
C ARG B 90 4.75 0.90 -19.28
N ALA B 91 5.50 -0.02 -18.65
CA ALA B 91 4.94 -1.23 -18.03
C ALA B 91 4.96 -1.14 -16.51
N LEU B 92 5.03 0.07 -15.95
CA LEU B 92 4.94 0.25 -14.50
C LEU B 92 3.47 0.33 -14.04
N PHE B 93 3.20 -0.44 -12.98
CA PHE B 93 1.94 -0.43 -12.28
C PHE B 93 2.19 -0.37 -10.79
N ALA B 94 1.11 -0.12 -10.04
CA ALA B 94 1.12 -0.20 -8.57
C ALA B 94 -0.05 -1.07 -8.17
N MET B 95 0.17 -1.83 -7.08
CA MET B 95 -0.78 -2.80 -6.55
CA MET B 95 -0.81 -2.80 -6.60
C MET B 95 -1.43 -2.20 -5.33
N ASP B 96 -2.58 -1.54 -5.55
CA ASP B 96 -3.23 -0.77 -4.45
C ASP B 96 -4.07 -1.71 -3.64
N PHE B 97 -3.44 -2.27 -2.59
CA PHE B 97 -4.06 -3.26 -1.73
C PHE B 97 -4.93 -2.62 -0.64
N PHE B 98 -5.02 -1.28 -0.63
CA PHE B 98 -5.91 -0.55 0.28
C PHE B 98 -7.25 -0.26 -0.37
N ASN B 99 -7.22 0.27 -1.60
CA ASN B 99 -8.42 0.50 -2.37
C ASN B 99 -8.82 -0.71 -3.23
N ASP B 100 -7.97 -1.72 -3.28
CA ASP B 100 -8.20 -2.96 -4.04
C ASP B 100 -8.32 -2.73 -5.54
N ASN B 101 -7.24 -2.14 -6.13
CA ASN B 101 -7.21 -1.99 -7.58
C ASN B 101 -5.76 -2.08 -8.05
N ILE B 102 -5.60 -2.17 -9.36
CA ILE B 102 -4.29 -2.18 -10.02
C ILE B 102 -4.25 -0.97 -10.91
N ILE B 103 -3.30 -0.07 -10.66
CA ILE B 103 -3.20 1.23 -11.34
C ILE B 103 -1.94 1.30 -12.17
N HIS B 104 -2.07 1.71 -13.44
CA HIS B 104 -0.94 1.95 -14.30
C HIS B 104 -0.30 3.30 -13.99
N LYS B 105 0.98 3.46 -14.37
CA LYS B 105 1.70 4.70 -14.15
C LYS B 105 0.96 5.93 -14.58
N ALA B 106 0.23 5.86 -15.69
CA ALA B 106 -0.49 7.03 -16.21
C ALA B 106 -1.89 7.19 -15.66
N GLY B 107 -2.28 6.36 -14.72
CA GLY B 107 -3.47 6.64 -13.89
C GLY B 107 -4.74 5.90 -14.19
N LYS B 108 -4.78 5.08 -15.21
CA LYS B 108 -5.93 4.19 -15.44
C LYS B 108 -5.74 2.89 -14.71
N TYR B 109 -6.82 2.09 -14.66
CA TYR B 109 -6.91 0.87 -13.86
C TYR B 109 -7.08 -0.35 -14.74
N VAL B 110 -6.74 -1.51 -14.21
CA VAL B 110 -7.07 -2.78 -14.86
C VAL B 110 -8.56 -3.09 -14.65
N HIS B 111 -9.25 -3.41 -15.72
CA HIS B 111 -10.65 -3.80 -15.71
C HIS B 111 -10.86 -5.09 -16.51
N PRO B 112 -11.91 -5.86 -16.16
CA PRO B 112 -12.46 -6.77 -17.17
C PRO B 112 -13.10 -5.95 -18.27
N LYS B 113 -12.87 -6.33 -19.52
CA LYS B 113 -13.46 -5.61 -20.66
C LYS B 113 -14.97 -5.70 -20.54
N GLY B 114 -15.64 -4.53 -20.51
CA GLY B 114 -17.08 -4.51 -20.29
C GLY B 114 -17.52 -4.24 -18.91
N GLY B 115 -16.64 -4.42 -17.95
CA GLY B 115 -16.95 -4.02 -16.59
C GLY B 115 -17.99 -4.88 -15.86
N SER B 116 -18.10 -6.18 -16.18
CA SER B 116 -19.08 -7.04 -15.54
C SER B 116 -18.62 -7.42 -14.13
N THR B 117 -19.63 -7.56 -13.26
CA THR B 117 -19.42 -8.18 -12.00
C THR B 117 -19.22 -9.65 -11.99
N ASN B 118 -19.52 -10.30 -13.10
CA ASN B 118 -19.28 -11.78 -13.24
C ASN B 118 -18.87 -12.01 -14.68
N PRO B 119 -17.65 -11.55 -15.07
CA PRO B 119 -17.19 -11.80 -16.38
C PRO B 119 -17.04 -13.32 -16.66
N PRO B 120 -17.37 -13.80 -17.84
CA PRO B 120 -17.13 -15.23 -18.15
C PRO B 120 -15.66 -15.51 -18.33
N ASN B 121 -15.31 -16.79 -18.22
CA ASN B 121 -13.96 -17.21 -18.53
C ASN B 121 -13.60 -16.72 -19.90
N GLU B 122 -12.32 -16.34 -19.99
CA GLU B 122 -11.68 -15.82 -21.22
C GLU B 122 -11.96 -14.38 -21.49
N THR B 123 -12.67 -13.67 -20.63
CA THR B 123 -12.89 -12.23 -20.80
C THR B 123 -11.52 -11.53 -20.78
N LEU B 124 -11.30 -10.66 -21.75
CA LEU B 124 -10.12 -9.86 -21.85
C LEU B 124 -10.04 -8.85 -20.68
N THR B 125 -8.82 -8.49 -20.31
CA THR B 125 -8.58 -7.34 -19.41
C THR B 125 -8.11 -6.18 -20.24
N VAL B 126 -8.47 -4.98 -19.81
CA VAL B 126 -8.17 -3.74 -20.47
C VAL B 126 -7.86 -2.68 -19.45
N MET B 127 -7.26 -1.58 -19.88
CA MET B 127 -7.16 -0.36 -19.13
C MET B 127 -8.44 0.44 -19.21
N HIS B 128 -8.84 1.07 -18.10
CA HIS B 128 -9.98 1.97 -18.10
C HIS B 128 -9.86 2.90 -16.92
N GLY B 129 -10.23 4.17 -17.09
CA GLY B 129 -10.14 5.12 -16.03
C GLY B 129 -11.15 4.98 -14.92
N ASP B 130 -12.29 4.32 -15.16
CA ASP B 130 -13.36 4.31 -14.17
C ASP B 130 -12.99 3.52 -12.92
N LYS B 131 -13.62 3.88 -11.82
CA LYS B 131 -13.53 3.14 -10.55
C LYS B 131 -14.90 2.69 -10.14
N HIS B 132 -15.04 1.42 -9.79
CA HIS B 132 -16.27 0.82 -9.36
C HIS B 132 -15.98 -0.60 -8.89
N GLY B 133 -16.96 -1.30 -8.34
CA GLY B 133 -16.74 -2.56 -7.77
C GLY B 133 -16.22 -3.63 -8.71
N ALA B 134 -16.50 -3.52 -9.98
CA ALA B 134 -16.10 -4.55 -10.93
C ALA B 134 -14.73 -4.37 -11.45
N MET B 135 -13.98 -3.38 -11.03
CA MET B 135 -12.56 -3.27 -11.30
C MET B 135 -11.67 -3.50 -10.05
N GLU B 136 -12.27 -4.02 -8.99
CA GLU B 136 -11.48 -4.30 -7.80
C GLU B 136 -10.81 -5.67 -7.91
N PHE B 137 -9.59 -5.73 -7.41
CA PHE B 137 -8.77 -6.93 -7.32
C PHE B 137 -8.15 -7.05 -5.98
N ILE B 138 -8.02 -8.28 -5.50
CA ILE B 138 -7.27 -8.60 -4.32
C ILE B 138 -6.18 -9.62 -4.62
N PHE B 139 -5.17 -9.67 -3.77
CA PHE B 139 -3.93 -10.39 -4.06
C PHE B 139 -3.72 -11.43 -2.97
N VAL B 140 -3.88 -12.70 -3.39
CA VAL B 140 -4.11 -13.78 -2.42
C VAL B 140 -3.09 -14.90 -2.59
N SER B 141 -2.94 -15.69 -1.51
CA SER B 141 -2.04 -16.82 -1.52
C SER B 141 -2.46 -17.87 -2.51
N PRO B 142 -1.49 -18.46 -3.24
CA PRO B 142 -1.80 -19.62 -4.07
C PRO B 142 -2.35 -20.80 -3.24
N LYS B 143 -2.04 -20.84 -1.95
CA LYS B 143 -2.37 -21.91 -1.01
C LYS B 143 -3.76 -21.73 -0.37
N ASN B 144 -4.31 -20.52 -0.45
CA ASN B 144 -5.59 -20.22 0.18
C ASN B 144 -6.12 -18.97 -0.53
N LYS B 145 -7.05 -19.12 -1.47
CA LYS B 145 -7.47 -18.04 -2.31
C LYS B 145 -8.26 -16.95 -1.60
N ASP B 146 -8.57 -17.11 -0.31
CA ASP B 146 -9.14 -16.06 0.49
C ASP B 146 -8.09 -15.29 1.35
N LYS B 147 -6.87 -15.73 1.41
CA LYS B 147 -5.85 -15.12 2.27
C LYS B 147 -5.10 -14.06 1.52
N ARG B 148 -5.30 -12.79 1.87
CA ARG B 148 -4.51 -11.72 1.24
C ARG B 148 -3.06 -11.86 1.64
N VAL B 149 -2.18 -11.57 0.71
CA VAL B 149 -0.75 -11.58 0.96
C VAL B 149 -0.16 -10.26 0.47
N LEU B 150 0.94 -9.89 1.12
CA LEU B 150 1.67 -8.66 0.84
C LEU B 150 2.49 -8.87 -0.43
N VAL B 151 2.19 -8.10 -1.50
CA VAL B 151 2.86 -8.29 -2.77
C VAL B 151 4.17 -7.50 -2.92
N TYR B 152 4.36 -6.53 -2.01
CA TYR B 152 5.51 -5.65 -2.03
C TYR B 152 6.75 -6.28 -1.37
N VAL B 153 6.78 -7.52 -0.97
CA VAL B 153 7.92 -8.13 -0.42
C VAL B 153 8.18 -9.42 -1.11
O5 A2G C . -9.58 17.32 15.79
C1 A2G C . -10.80 17.91 15.52
O1 A2G C . -11.83 17.57 16.40
C2 A2G C . -11.20 17.63 14.08
N2 A2G C . -12.49 18.23 13.79
C3 A2G C . -11.24 16.15 13.79
O3 A2G C . -11.52 15.89 12.44
C4 A2G C . -9.92 15.52 14.19
O4 A2G C . -8.94 15.96 13.27
C5 A2G C . -9.61 15.92 15.67
C6 A2G C . -8.29 15.39 16.10
O6 A2G C . -7.97 15.80 17.44
C7 A2G C . -12.70 19.42 13.34
O7 A2G C . -13.95 19.87 12.98
C8 A2G C . -11.73 20.22 13.25
O5 A2G D . 12.39 17.44 20.88
C1 A2G D . 13.55 18.21 20.94
O1 A2G D . 13.32 19.54 21.21
C2 A2G D . 14.44 18.01 19.74
N2 A2G D . 15.67 18.76 19.84
C3 A2G D . 13.67 18.39 18.48
O3 A2G D . 14.47 18.11 17.30
C4 A2G D . 12.41 17.56 18.44
O4 A2G D . 12.80 16.18 18.31
C5 A2G D . 11.60 17.77 19.72
C6 A2G D . 10.39 16.93 19.69
O6 A2G D . 9.53 17.20 20.84
C7 A2G D . 16.86 18.28 19.68
O7 A2G D . 17.01 17.04 19.62
C8 A2G D . 17.99 19.29 19.67
O5 A2G E . -0.72 0.66 27.43
C1 A2G E . -0.67 -0.25 28.55
O1 A2G E . 0.20 0.23 29.55
C2 A2G E . -0.41 -1.64 28.06
N2 A2G E . -0.25 -2.49 29.27
C3 A2G E . 0.88 -1.69 27.25
O3 A2G E . 1.03 -3.00 26.71
C4 A2G E . 0.84 -0.66 26.15
O4 A2G E . -0.13 -1.02 25.16
C5 A2G E . 0.53 0.69 26.77
C6 A2G E . 0.45 1.78 25.75
O6 A2G E . 0.21 3.06 26.34
C7 A2G E . -1.33 -3.03 29.95
O7 A2G E . -2.44 -2.78 29.33
C8 A2G E . -0.93 -3.81 31.23
O5 A2G F . -6.11 -21.50 -20.54
C1 A2G F . -6.34 -22.91 -20.52
O1 A2G F . -7.53 -23.18 -21.10
C2 A2G F . -6.13 -23.58 -19.22
N2 A2G F . -6.50 -24.95 -19.26
C3 A2G F . -6.94 -22.87 -18.14
O3 A2G F . -6.65 -23.45 -16.87
C4 A2G F . -6.69 -21.38 -18.19
O4 A2G F . -5.35 -21.15 -17.80
C5 A2G F . -6.95 -20.83 -19.58
C6 A2G F . -6.69 -19.35 -19.71
O6 A2G F . -6.98 -18.81 -20.98
C7 A2G F . -5.68 -25.96 -19.51
O7 A2G F . -4.51 -25.80 -19.62
C8 A2G F . -6.28 -27.37 -19.58
O5 A2G G . 4.54 -3.26 -27.16
C1 A2G G . 5.62 -3.04 -28.03
O1 A2G G . 5.81 -4.09 -28.83
C2 A2G G . 6.85 -2.57 -27.30
N2 A2G G . 7.99 -2.45 -28.23
C3 A2G G . 7.21 -3.59 -26.26
O3 A2G G . 8.28 -3.05 -25.49
C4 A2G G . 6.01 -3.87 -25.38
O4 A2G G . 5.71 -2.70 -24.59
C5 A2G G . 4.85 -4.29 -26.24
C6 A2G G . 3.59 -4.58 -25.46
O6 A2G G . 2.51 -5.00 -26.28
C7 A2G G . 8.29 -1.33 -28.93
O7 A2G G . 7.64 -0.31 -28.78
C8 A2G G . 9.46 -1.44 -29.85
O5 A2G H . -16.61 -1.41 -19.22
C1 A2G H . -17.74 -0.60 -19.23
O1 A2G H . -17.80 0.26 -20.27
C2 A2G H . -17.99 0.09 -17.93
N2 A2G H . -19.16 0.92 -17.96
C3 A2G H . -16.73 0.92 -17.55
O3 A2G H . -16.94 1.47 -16.28
C4 A2G H . -15.50 0.05 -17.60
O4 A2G H . -15.59 -0.92 -16.58
C5 A2G H . -15.41 -0.61 -19.00
C6 A2G H . -14.26 -1.58 -19.07
O6 A2G H . -14.14 -2.17 -20.38
C7 A2G H . -20.39 0.50 -17.62
O7 A2G H . -20.62 -0.61 -17.11
C8 A2G H . -21.47 1.54 -17.66
#